data_9HDL
#
_entry.id   9HDL
#
_cell.length_a   58.105
_cell.length_b   61.744
_cell.length_c   84.325
_cell.angle_alpha   90.00
_cell.angle_beta   90.00
_cell.angle_gamma   90.00
#
_symmetry.space_group_name_H-M   'P 21 21 21'
#
loop_
_entity.id
_entity.type
_entity.pdbx_description
1 polymer 'Clavaminate synthase-like protein'
2 non-polymer 'FE (III) ION'
3 water water
#
_entity_poly.entity_id   1
_entity_poly.type   'polypeptide(L)'
_entity_poly.pdbx_seq_one_letter_code
;MGSSHHHHHHSSGLVPRGSHMAPIAQAVTVSLNDLKNGTVSLEALEEAFGPDSLGILVVKDVPAEFAELRHRLLSYSSYL
GNLPKSELDRLENEKAKYLTGWSLGKETLKNGQVDNLKGSYYANCAFYVDPSLSCAKPTEEFNPDNFPEYLSPNLWPQES
TLPGFKPTFEDLCRLIIDVAVLVARACDRFAEKQIAGYPAGYLEGVVKTSTTTKARLLHYFPEEATATDASKESNKEEEG
DEDDWCATHLDHGCLTGLTSAMFVDEAATPPVVNPSVNGSLPPLGELPTSPDPKAGLYIKSRTGQTVQVKIPRDCIAFQT
GEALERITGGKFKAVPHFVRGARAEMSAGRIARNTLAVFTQPNLGDEVDMEQHITFGEFARGIVAKNTVS
;
_entity_poly.pdbx_strand_id   A
#
# COMPACT_ATOMS: atom_id res chain seq x y z
N GLY A 18 12.45 -14.48 22.46
CA GLY A 18 12.34 -15.91 22.25
C GLY A 18 13.43 -16.47 21.35
N SER A 19 14.00 -17.61 21.73
CA SER A 19 15.07 -18.22 20.94
C SER A 19 14.58 -18.75 19.60
N HIS A 20 13.27 -18.96 19.45
CA HIS A 20 12.70 -19.48 18.21
C HIS A 20 12.24 -18.38 17.27
N MET A 21 12.51 -17.11 17.60
CA MET A 21 12.07 -16.01 16.77
C MET A 21 13.01 -15.83 15.58
N ALA A 22 12.50 -15.22 14.53
CA ALA A 22 13.36 -14.83 13.41
C ALA A 22 14.26 -13.68 13.85
N PRO A 23 15.39 -13.48 13.18
CA PRO A 23 16.21 -12.31 13.51
C PRO A 23 15.45 -11.04 13.18
N ILE A 24 15.47 -10.08 14.10
CA ILE A 24 14.85 -8.78 13.87
C ILE A 24 15.87 -7.87 13.20
N ALA A 25 15.44 -7.18 12.15
CA ALA A 25 16.26 -6.20 11.46
C ALA A 25 15.66 -4.81 11.65
N GLN A 26 16.50 -3.80 11.59
CA GLN A 26 16.06 -2.40 11.68
C GLN A 26 15.96 -1.84 10.27
N ALA A 27 14.76 -1.36 9.89
CA ALA A 27 14.65 -0.68 8.59
C ALA A 27 15.32 0.68 8.65
N VAL A 28 15.94 1.08 7.53
CA VAL A 28 16.46 2.43 7.42
C VAL A 28 15.33 3.41 7.65
N THR A 29 15.59 4.44 8.46
CA THR A 29 14.55 5.38 8.85
C THR A 29 15.02 6.80 8.56
N VAL A 30 14.16 7.60 7.93
CA VAL A 30 14.48 8.99 7.62
C VAL A 30 13.33 9.86 8.09
N SER A 31 13.62 11.14 8.27
CA SER A 31 12.62 12.10 8.72
C SER A 31 11.89 12.73 7.53
N LEU A 32 10.57 12.84 7.66
CA LEU A 32 9.80 13.58 6.66
C LEU A 32 10.35 14.99 6.48
N ASN A 33 10.88 15.59 7.55
CA ASN A 33 11.40 16.96 7.43
C ASN A 33 12.55 17.00 6.44
N ASP A 34 13.39 15.97 6.43
CA ASP A 34 14.50 15.93 5.49
C ASP A 34 14.01 15.64 4.08
N LEU A 35 12.98 14.79 3.93
CA LEU A 35 12.42 14.59 2.60
C LEU A 35 11.84 15.89 2.06
N LYS A 36 11.21 16.69 2.92
CA LYS A 36 10.58 17.92 2.46
C LYS A 36 11.61 18.98 2.10
N ASN A 37 12.71 19.06 2.86
CA ASN A 37 13.70 20.10 2.62
C ASN A 37 14.82 19.67 1.69
N GLY A 38 14.79 18.46 1.15
CA GLY A 38 15.84 18.04 0.24
C GLY A 38 17.16 17.72 0.91
N THR A 39 17.16 17.48 2.21
CA THR A 39 18.38 17.19 2.95
C THR A 39 18.50 15.72 3.30
N VAL A 40 17.61 14.87 2.81
CA VAL A 40 17.68 13.45 3.12
C VAL A 40 18.97 12.87 2.54
N SER A 41 19.60 11.99 3.31
CA SER A 41 20.84 11.35 2.88
C SER A 41 20.57 10.37 1.75
N LEU A 42 21.23 10.58 0.60
CA LEU A 42 21.11 9.62 -0.49
C LEU A 42 21.85 8.32 -0.20
N GLU A 43 22.89 8.36 0.65
CA GLU A 43 23.47 7.11 1.12
C GLU A 43 22.47 6.30 1.95
N ALA A 44 21.74 6.96 2.85
CA ALA A 44 20.68 6.27 3.58
C ALA A 44 19.65 5.69 2.63
N LEU A 45 19.27 6.46 1.60
CA LEU A 45 18.29 5.97 0.64
C LEU A 45 18.78 4.73 -0.08
N GLU A 46 20.05 4.71 -0.50
CA GLU A 46 20.59 3.52 -1.15
C GLU A 46 20.73 2.36 -0.18
N GLU A 47 20.97 2.64 1.10
CA GLU A 47 21.00 1.56 2.08
C GLU A 47 19.59 1.00 2.30
N ALA A 48 18.57 1.81 2.05
CA ALA A 48 17.19 1.35 2.22
C ALA A 48 16.66 0.60 1.01
N PHE A 49 17.08 1.02 -0.19
CA PHE A 49 16.45 0.59 -1.43
C PHE A 49 17.42 -0.05 -2.44
N GLY A 50 18.72 -0.05 -2.17
CA GLY A 50 19.71 -0.48 -3.13
C GLY A 50 19.94 -1.98 -3.13
N PRO A 51 20.97 -2.42 -3.85
CA PRO A 51 21.11 -3.86 -4.13
C PRO A 51 21.33 -4.73 -2.90
N ASP A 52 21.93 -4.21 -1.82
CA ASP A 52 22.14 -4.98 -0.61
C ASP A 52 21.07 -4.74 0.46
N SER A 53 19.96 -4.12 0.09
CA SER A 53 19.04 -3.55 1.06
C SER A 53 17.86 -4.46 1.34
N LEU A 54 17.01 -4.03 2.27
CA LEU A 54 15.74 -4.68 2.57
C LEU A 54 14.59 -4.17 1.69
N GLY A 55 14.86 -3.19 0.83
CA GLY A 55 13.81 -2.65 -0.03
C GLY A 55 12.71 -1.94 0.70
N ILE A 56 13.03 -1.31 1.83
CA ILE A 56 12.01 -0.67 2.66
C ILE A 56 12.64 0.51 3.36
N LEU A 57 11.85 1.57 3.51
CA LEU A 57 12.28 2.82 4.13
C LEU A 57 11.17 3.25 5.08
N VAL A 58 11.51 3.52 6.33
CA VAL A 58 10.53 4.02 7.29
C VAL A 58 10.66 5.53 7.33
N VAL A 59 9.53 6.23 7.31
CA VAL A 59 9.49 7.69 7.39
C VAL A 59 8.85 8.07 8.71
N LYS A 60 9.61 8.83 9.53
CA LYS A 60 9.15 9.37 10.80
C LYS A 60 8.85 10.86 10.65
N ASP A 61 8.43 11.48 11.75
CA ASP A 61 8.00 12.89 11.75
C ASP A 61 6.89 13.12 10.73
N VAL A 62 5.96 12.18 10.63
CA VAL A 62 4.90 12.25 9.63
C VAL A 62 3.88 13.30 10.06
N PRO A 63 2.98 13.76 9.17
CA PRO A 63 2.06 14.82 9.56
C PRO A 63 1.27 14.49 10.81
N ALA A 64 0.82 15.53 11.50
CA ALA A 64 0.21 15.37 12.81
C ALA A 64 -1.05 14.52 12.74
N GLU A 65 -1.78 14.58 11.62
CA GLU A 65 -3.05 13.88 11.51
C GLU A 65 -2.91 12.39 11.27
N PHE A 66 -1.69 11.88 11.03
CA PHE A 66 -1.56 10.50 10.57
C PHE A 66 -2.07 9.50 11.61
N ALA A 67 -1.64 9.64 12.86
CA ALA A 67 -1.95 8.59 13.84
C ALA A 67 -3.45 8.38 13.97
N GLU A 68 -4.20 9.48 14.04
CA GLU A 68 -5.65 9.36 14.19
C GLU A 68 -6.30 8.89 12.90
N LEU A 69 -5.80 9.34 11.74
CA LEU A 69 -6.40 8.85 10.49
C LEU A 69 -6.14 7.37 10.30
N ARG A 70 -4.95 6.89 10.67
CA ARG A 70 -4.65 5.46 10.62
C ARG A 70 -5.58 4.70 11.55
N HIS A 71 -5.69 5.15 12.81
CA HIS A 71 -6.56 4.45 13.75
C HIS A 71 -7.99 4.39 13.22
N ARG A 72 -8.49 5.51 12.69
CA ARG A 72 -9.87 5.56 12.19
C ARG A 72 -10.04 4.67 10.97
N LEU A 73 -9.16 4.74 9.98
CA LEU A 73 -9.39 3.97 8.77
C LEU A 73 -9.23 2.48 9.03
N LEU A 74 -8.25 2.11 9.85
CA LEU A 74 -8.12 0.69 10.17
C LEU A 74 -9.32 0.22 10.99
N SER A 75 -9.90 1.09 11.82
CA SER A 75 -11.15 0.73 12.47
C SER A 75 -12.26 0.55 11.45
N TYR A 76 -12.32 1.43 10.45
CA TYR A 76 -13.32 1.30 9.41
C TYR A 76 -13.20 -0.04 8.69
N SER A 77 -11.98 -0.57 8.58
CA SER A 77 -11.84 -1.90 7.98
C SER A 77 -12.65 -2.94 8.75
N SER A 78 -12.65 -2.85 10.09
CA SER A 78 -13.45 -3.75 10.92
C SER A 78 -14.94 -3.46 10.78
N TYR A 79 -15.32 -2.18 10.84
CA TYR A 79 -16.73 -1.83 10.63
C TYR A 79 -17.22 -2.38 9.31
N LEU A 80 -16.43 -2.21 8.25
CA LEU A 80 -16.83 -2.65 6.92
C LEU A 80 -16.95 -4.15 6.87
N GLY A 81 -15.94 -4.87 7.40
CA GLY A 81 -15.96 -6.32 7.36
C GLY A 81 -17.10 -6.95 8.14
N ASN A 82 -17.68 -6.22 9.10
CA ASN A 82 -18.73 -6.77 9.94
C ASN A 82 -20.13 -6.37 9.51
N LEU A 83 -20.27 -5.61 8.43
CA LEU A 83 -21.59 -5.29 7.91
C LEU A 83 -22.30 -6.57 7.49
N PRO A 84 -23.64 -6.56 7.50
CA PRO A 84 -24.38 -7.74 7.03
C PRO A 84 -23.98 -8.08 5.59
N LYS A 85 -23.98 -9.39 5.30
CA LYS A 85 -23.53 -9.86 4.00
C LYS A 85 -24.28 -9.19 2.86
N SER A 86 -25.56 -8.86 3.07
CA SER A 86 -26.34 -8.19 2.03
C SER A 86 -25.73 -6.83 1.69
N GLU A 87 -25.23 -6.11 2.69
CA GLU A 87 -24.60 -4.82 2.44
C GLU A 87 -23.29 -4.98 1.68
N LEU A 88 -22.47 -5.95 2.08
CA LEU A 88 -21.19 -6.15 1.41
C LEU A 88 -21.37 -6.61 -0.03
N ASP A 89 -22.40 -7.41 -0.31
CA ASP A 89 -22.63 -7.84 -1.68
C ASP A 89 -22.78 -6.65 -2.63
N ARG A 90 -23.31 -5.53 -2.12
CA ARG A 90 -23.44 -4.34 -2.96
C ARG A 90 -22.10 -3.73 -3.36
N LEU A 91 -21.01 -4.10 -2.69
CA LEU A 91 -19.71 -3.52 -2.96
C LEU A 91 -18.82 -4.42 -3.80
N GLU A 92 -19.33 -5.57 -4.26
CA GLU A 92 -18.53 -6.48 -5.06
C GLU A 92 -18.54 -6.05 -6.52
N ASN A 93 -17.38 -6.18 -7.17
CA ASN A 93 -17.19 -5.69 -8.53
C ASN A 93 -16.44 -6.76 -9.34
N GLU A 94 -17.18 -7.74 -9.84
CA GLU A 94 -16.54 -8.85 -10.56
C GLU A 94 -15.92 -8.40 -11.86
N LYS A 95 -16.58 -7.48 -12.59
CA LYS A 95 -16.00 -7.00 -13.84
C LYS A 95 -14.67 -6.29 -13.61
N ALA A 96 -14.44 -5.74 -12.41
CA ALA A 96 -13.16 -5.15 -12.06
C ALA A 96 -12.18 -6.18 -11.52
N LYS A 97 -12.45 -7.47 -11.70
CA LYS A 97 -11.66 -8.54 -11.11
C LYS A 97 -11.55 -8.37 -9.59
N TYR A 98 -12.60 -7.82 -8.99
CA TYR A 98 -12.67 -7.53 -7.55
C TYR A 98 -11.49 -6.70 -7.07
N LEU A 99 -10.85 -5.95 -7.97
CA LEU A 99 -9.78 -5.03 -7.61
C LEU A 99 -10.29 -3.61 -7.46
N THR A 100 -11.61 -3.46 -7.41
CA THR A 100 -12.28 -2.27 -6.92
C THR A 100 -13.43 -2.74 -6.03
N GLY A 101 -13.65 -2.07 -4.90
CA GLY A 101 -14.72 -2.48 -4.01
C GLY A 101 -14.29 -3.60 -3.08
N TRP A 102 -15.28 -4.33 -2.59
CA TRP A 102 -15.11 -5.33 -1.54
C TRP A 102 -15.05 -6.72 -2.13
N SER A 103 -14.25 -7.58 -1.49
CA SER A 103 -14.28 -8.99 -1.82
C SER A 103 -13.86 -9.82 -0.62
N LEU A 104 -14.37 -11.04 -0.56
CA LEU A 104 -13.93 -12.03 0.40
C LEU A 104 -12.87 -12.91 -0.26
N GLY A 105 -11.77 -13.14 0.44
CA GLY A 105 -10.69 -13.96 -0.07
C GLY A 105 -10.19 -14.88 1.02
N LYS A 106 -9.31 -15.80 0.62
CA LYS A 106 -8.71 -16.73 1.56
C LYS A 106 -7.21 -16.81 1.30
N GLU A 107 -6.48 -17.14 2.36
CA GLU A 107 -5.05 -17.40 2.32
C GLU A 107 -4.79 -18.78 2.93
N ASP A 115 -5.67 -21.19 6.55
CA ASP A 115 -7.07 -20.82 6.72
C ASP A 115 -7.21 -19.38 7.23
N ASN A 116 -6.83 -18.42 6.39
CA ASN A 116 -6.97 -17.00 6.74
C ASN A 116 -8.04 -16.38 5.83
N LEU A 117 -9.22 -16.15 6.39
CA LEU A 117 -10.29 -15.47 5.66
C LEU A 117 -10.10 -13.96 5.77
N LYS A 118 -10.17 -13.27 4.63
CA LYS A 118 -9.86 -11.84 4.65
C LYS A 118 -10.80 -11.08 3.73
N GLY A 119 -11.25 -9.92 4.19
CA GLY A 119 -12.00 -9.00 3.36
C GLY A 119 -11.05 -7.94 2.83
N SER A 120 -11.13 -7.71 1.53
CA SER A 120 -10.31 -6.70 0.88
C SER A 120 -11.22 -5.60 0.38
N TYR A 121 -10.80 -4.36 0.58
CA TYR A 121 -11.48 -3.22 -0.01
C TYR A 121 -10.45 -2.43 -0.81
N TYR A 122 -10.67 -2.34 -2.12
CA TYR A 122 -9.74 -1.66 -3.02
C TYR A 122 -10.37 -0.38 -3.53
N ALA A 123 -9.55 0.66 -3.64
CA ALA A 123 -9.98 1.87 -4.33
C ALA A 123 -8.81 2.44 -5.11
N ASN A 124 -9.07 2.88 -6.34
CA ASN A 124 -8.01 3.62 -7.01
C ASN A 124 -7.91 5.00 -6.39
N CYS A 125 -6.73 5.62 -6.53
CA CYS A 125 -6.47 6.92 -5.92
C CYS A 125 -6.37 8.01 -6.97
N ALA A 126 -7.16 7.92 -8.04
CA ALA A 126 -7.16 9.00 -9.02
C ALA A 126 -7.58 10.32 -8.40
N PHE A 127 -8.38 10.25 -7.32
CA PHE A 127 -8.82 11.45 -6.62
C PHE A 127 -7.65 12.25 -6.07
N TYR A 128 -6.49 11.62 -5.91
CA TYR A 128 -5.30 12.36 -5.51
C TYR A 128 -4.92 13.39 -6.56
N VAL A 129 -5.03 13.03 -7.84
CA VAL A 129 -4.66 13.93 -8.92
C VAL A 129 -5.72 14.99 -9.13
N ASP A 130 -6.98 14.59 -9.07
CA ASP A 130 -8.11 15.48 -9.31
C ASP A 130 -9.26 14.93 -8.50
N PRO A 131 -9.80 15.69 -7.53
CA PRO A 131 -10.88 15.16 -6.68
C PRO A 131 -12.11 14.73 -7.46
N SER A 132 -12.24 15.12 -8.73
CA SER A 132 -13.41 14.75 -9.52
CA SER A 132 -13.41 14.75 -9.52
C SER A 132 -13.30 13.36 -10.15
N LEU A 133 -12.13 12.73 -10.09
CA LEU A 133 -11.93 11.48 -10.80
C LEU A 133 -12.34 10.29 -9.94
N SER A 134 -13.18 9.43 -10.51
CA SER A 134 -13.52 8.14 -9.92
C SER A 134 -12.58 7.04 -10.37
N CYS A 135 -11.71 7.31 -11.35
CA CYS A 135 -10.80 6.32 -11.93
C CYS A 135 -9.89 7.00 -12.95
N ALA A 136 -8.96 6.26 -13.54
CA ALA A 136 -8.12 6.81 -14.59
C ALA A 136 -8.93 7.08 -15.86
N LYS A 137 -8.26 7.67 -16.84
CA LYS A 137 -8.88 7.90 -18.14
C LYS A 137 -8.25 7.00 -19.19
N PRO A 138 -9.05 6.41 -20.07
CA PRO A 138 -8.54 5.41 -21.00
C PRO A 138 -7.60 6.01 -22.04
N THR A 139 -6.91 5.11 -22.73
CA THR A 139 -6.00 5.43 -23.81
C THR A 139 -6.26 4.45 -24.95
N GLU A 140 -5.61 4.67 -26.10
CA GLU A 140 -5.87 3.86 -27.29
C GLU A 140 -5.72 2.38 -26.99
N GLU A 141 -4.65 2.00 -26.30
CA GLU A 141 -4.41 0.60 -25.96
C GLU A 141 -4.99 0.22 -24.61
N PHE A 142 -5.38 1.18 -23.78
CA PHE A 142 -5.80 0.94 -22.40
C PHE A 142 -7.25 1.42 -22.23
N ASN A 143 -8.20 0.55 -22.59
CA ASN A 143 -9.59 0.85 -22.31
C ASN A 143 -10.05 0.09 -21.07
N PRO A 144 -11.12 0.54 -20.40
CA PRO A 144 -11.52 -0.12 -19.16
C PRO A 144 -12.03 -1.54 -19.35
N ASP A 145 -12.08 -2.05 -20.58
CA ASP A 145 -12.51 -3.42 -20.81
C ASP A 145 -11.36 -4.41 -20.85
N ASN A 146 -10.16 -3.98 -21.23
CA ASN A 146 -8.99 -4.85 -21.15
C ASN A 146 -8.08 -4.51 -19.97
N PHE A 147 -8.28 -3.38 -19.30
CA PHE A 147 -7.63 -3.10 -18.02
C PHE A 147 -8.64 -2.70 -16.96
N PRO A 148 -9.68 -3.51 -16.73
CA PRO A 148 -10.67 -3.14 -15.71
C PRO A 148 -10.11 -3.13 -14.31
N GLU A 149 -9.03 -3.88 -14.05
CA GLU A 149 -8.47 -3.93 -12.71
C GLU A 149 -7.72 -2.66 -12.33
N TYR A 150 -7.40 -1.81 -13.32
CA TYR A 150 -6.78 -0.53 -13.05
C TYR A 150 -7.70 0.65 -13.27
N LEU A 151 -8.68 0.51 -14.16
CA LEU A 151 -9.41 1.65 -14.71
C LEU A 151 -10.88 1.68 -14.30
N SER A 152 -11.33 0.76 -13.45
CA SER A 152 -12.74 0.73 -13.08
C SER A 152 -13.05 1.79 -12.01
N PRO A 153 -14.21 2.43 -12.10
CA PRO A 153 -14.60 3.42 -11.08
C PRO A 153 -14.68 2.81 -9.69
N ASN A 154 -14.41 3.62 -8.68
CA ASN A 154 -14.50 3.17 -7.30
C ASN A 154 -15.94 2.88 -6.91
N LEU A 155 -16.11 1.93 -6.00
CA LEU A 155 -17.42 1.52 -5.48
C LEU A 155 -17.38 1.79 -3.98
N TRP A 156 -17.97 2.90 -3.56
CA TRP A 156 -17.93 3.37 -2.19
C TRP A 156 -19.15 2.89 -1.42
N PRO A 157 -18.97 2.56 -0.13
CA PRO A 157 -20.14 2.24 0.70
C PRO A 157 -21.06 3.44 0.82
N GLN A 158 -22.33 3.17 1.06
CA GLN A 158 -23.29 4.24 1.32
C GLN A 158 -22.81 5.12 2.47
N GLU A 159 -22.98 6.42 2.32
CA GLU A 159 -22.57 7.34 3.38
C GLU A 159 -23.36 7.06 4.67
N SER A 160 -24.64 6.72 4.55
CA SER A 160 -25.42 6.41 5.74
C SER A 160 -25.00 5.09 6.37
N THR A 161 -24.41 4.17 5.60
CA THR A 161 -24.00 2.87 6.14
C THR A 161 -22.69 2.96 6.91
N LEU A 162 -21.71 3.68 6.38
CA LEU A 162 -20.42 3.88 7.05
C LEU A 162 -20.09 5.37 6.99
N PRO A 163 -20.72 6.18 7.85
CA PRO A 163 -20.51 7.63 7.78
C PRO A 163 -19.04 7.99 7.99
N GLY A 164 -18.52 8.85 7.13
CA GLY A 164 -17.14 9.30 7.20
C GLY A 164 -16.12 8.37 6.58
N PHE A 165 -16.55 7.23 6.02
CA PHE A 165 -15.58 6.29 5.45
C PHE A 165 -14.81 6.91 4.30
N LYS A 166 -15.52 7.47 3.33
CA LYS A 166 -14.87 7.95 2.12
C LYS A 166 -13.93 9.12 2.38
N PRO A 167 -14.33 10.16 3.15
CA PRO A 167 -13.35 11.23 3.43
C PRO A 167 -12.16 10.77 4.26
N THR A 168 -12.36 9.86 5.20
CA THR A 168 -11.22 9.31 5.96
C THR A 168 -10.26 8.57 5.04
N PHE A 169 -10.82 7.71 4.19
CA PHE A 169 -10.03 6.94 3.22
C PHE A 169 -9.24 7.88 2.30
N GLU A 170 -9.93 8.86 1.72
CA GLU A 170 -9.26 9.80 0.83
C GLU A 170 -8.19 10.59 1.56
N ASP A 171 -8.46 11.06 2.78
CA ASP A 171 -7.50 11.89 3.49
C ASP A 171 -6.26 11.11 3.86
N LEU A 172 -6.44 9.86 4.32
CA LEU A 172 -5.26 9.07 4.68
C LEU A 172 -4.46 8.70 3.45
N CYS A 173 -5.13 8.31 2.36
CA CYS A 173 -4.39 8.01 1.13
C CYS A 173 -3.66 9.23 0.63
N ARG A 174 -4.30 10.40 0.70
CA ARG A 174 -3.64 11.61 0.23
CA ARG A 174 -3.64 11.63 0.25
C ARG A 174 -2.38 11.90 1.04
N LEU A 175 -2.44 11.69 2.36
CA LEU A 175 -1.28 11.90 3.22
C LEU A 175 -0.16 10.95 2.85
N ILE A 176 -0.50 9.66 2.69
CA ILE A 176 0.51 8.67 2.38
C ILE A 176 1.12 8.91 1.00
N ILE A 177 0.30 9.30 0.02
CA ILE A 177 0.83 9.57 -1.31
C ILE A 177 1.68 10.83 -1.32
N ASP A 178 1.27 11.87 -0.58
CA ASP A 178 2.14 13.05 -0.43
C ASP A 178 3.55 12.62 0.00
N VAL A 179 3.61 11.75 1.00
CA VAL A 179 4.93 11.31 1.46
C VAL A 179 5.63 10.48 0.39
N ALA A 180 4.88 9.57 -0.27
CA ALA A 180 5.45 8.77 -1.36
C ALA A 180 6.06 9.64 -2.44
N VAL A 181 5.42 10.77 -2.75
CA VAL A 181 5.95 11.67 -3.77
C VAL A 181 7.30 12.23 -3.32
N LEU A 182 7.43 12.55 -2.04
CA LEU A 182 8.73 13.04 -1.55
C LEU A 182 9.80 11.93 -1.52
N VAL A 183 9.39 10.70 -1.20
CA VAL A 183 10.33 9.58 -1.29
C VAL A 183 10.78 9.39 -2.74
N ALA A 184 9.81 9.46 -3.67
CA ALA A 184 10.13 9.35 -5.10
C ALA A 184 11.07 10.45 -5.55
N ARG A 185 10.89 11.66 -5.01
CA ARG A 185 11.79 12.75 -5.32
C ARG A 185 13.22 12.44 -4.88
N ALA A 186 13.37 11.86 -3.68
CA ALA A 186 14.72 11.46 -3.24
C ALA A 186 15.29 10.38 -4.16
N CYS A 187 14.43 9.43 -4.56
CA CYS A 187 14.87 8.43 -5.53
C CYS A 187 15.35 9.07 -6.82
N ASP A 188 14.62 10.08 -7.29
CA ASP A 188 15.03 10.81 -8.49
C ASP A 188 16.37 11.47 -8.31
N ARG A 189 16.60 12.09 -7.15
CA ARG A 189 17.90 12.73 -6.94
C ARG A 189 19.02 11.73 -7.09
N PHE A 190 18.86 10.55 -6.48
CA PHE A 190 19.82 9.48 -6.65
C PHE A 190 19.98 9.10 -8.12
N ALA A 191 18.86 8.80 -8.79
CA ALA A 191 18.93 8.35 -10.18
C ALA A 191 19.56 9.41 -11.08
N GLU A 192 19.26 10.68 -10.82
CA GLU A 192 19.79 11.76 -11.65
C GLU A 192 21.29 11.86 -11.51
N LYS A 193 21.82 11.57 -10.32
CA LYS A 193 23.27 11.58 -10.16
C LYS A 193 23.94 10.31 -10.70
N GLN A 194 23.22 9.18 -10.77
CA GLN A 194 23.85 7.89 -11.01
C GLN A 194 23.58 7.26 -12.37
N ILE A 195 22.53 7.67 -13.07
CA ILE A 195 22.07 7.00 -14.29
C ILE A 195 22.16 7.97 -15.46
N ALA A 196 23.00 7.65 -16.45
CA ALA A 196 23.11 8.51 -17.63
C ALA A 196 21.84 8.43 -18.46
N GLY A 197 21.29 9.59 -18.82
CA GLY A 197 20.10 9.66 -19.64
C GLY A 197 18.81 9.61 -18.86
N TYR A 198 18.88 9.51 -17.54
CA TYR A 198 17.69 9.47 -16.70
C TYR A 198 16.88 10.76 -16.87
N PRO A 199 15.55 10.68 -16.98
CA PRO A 199 14.74 11.90 -17.11
C PRO A 199 14.60 12.57 -15.75
N ALA A 200 14.97 13.85 -15.66
CA ALA A 200 14.86 14.57 -14.40
C ALA A 200 13.45 14.46 -13.82
N GLY A 201 13.38 14.10 -12.54
CA GLY A 201 12.11 14.10 -11.82
C GLY A 201 11.13 13.02 -12.24
N TYR A 202 11.60 11.96 -12.90
CA TYR A 202 10.69 10.98 -13.50
C TYR A 202 9.80 10.31 -12.46
N LEU A 203 10.40 9.72 -11.41
CA LEU A 203 9.58 8.96 -10.45
C LEU A 203 8.63 9.87 -9.70
N GLU A 204 9.10 11.07 -9.31
CA GLU A 204 8.20 12.01 -8.66
C GLU A 204 7.00 12.31 -9.53
N GLY A 205 7.23 12.61 -10.80
CA GLY A 205 6.12 12.91 -11.69
C GLY A 205 5.20 11.73 -11.88
N VAL A 206 5.77 10.53 -12.02
CA VAL A 206 4.96 9.34 -12.22
C VAL A 206 4.01 9.12 -11.05
N VAL A 207 4.55 9.17 -9.82
CA VAL A 207 3.73 8.93 -8.63
C VAL A 207 2.72 10.05 -8.43
N LYS A 208 3.15 11.29 -8.62
CA LYS A 208 2.31 12.45 -8.33
C LYS A 208 1.15 12.58 -9.30
N THR A 209 1.31 12.08 -10.54
CA THR A 209 0.26 12.19 -11.56
C THR A 209 -0.45 10.87 -11.82
N SER A 210 -0.15 9.83 -11.06
CA SER A 210 -0.75 8.53 -11.34
C SER A 210 -2.23 8.51 -10.96
N THR A 211 -3.06 8.02 -11.88
CA THR A 211 -4.44 7.72 -11.57
C THR A 211 -4.68 6.21 -11.48
N THR A 212 -3.62 5.41 -11.48
CA THR A 212 -3.71 3.96 -11.33
C THR A 212 -3.30 3.48 -9.94
N THR A 213 -2.66 4.34 -9.14
CA THR A 213 -2.33 3.98 -7.78
C THR A 213 -3.55 3.43 -7.07
N LYS A 214 -3.35 2.34 -6.32
CA LYS A 214 -4.48 1.64 -5.73
C LYS A 214 -4.23 1.44 -4.25
N ALA A 215 -5.23 1.74 -3.42
CA ALA A 215 -5.14 1.51 -2.00
C ALA A 215 -5.96 0.28 -1.65
N ARG A 216 -5.44 -0.51 -0.70
CA ARG A 216 -6.06 -1.76 -0.27
C ARG A 216 -6.20 -1.72 1.24
N LEU A 217 -7.42 -1.87 1.72
CA LEU A 217 -7.72 -1.97 3.15
C LEU A 217 -8.10 -3.42 3.39
N LEU A 218 -7.34 -4.11 4.23
CA LEU A 218 -7.56 -5.52 4.49
C LEU A 218 -8.14 -5.70 5.89
N HIS A 219 -9.07 -6.65 6.01
CA HIS A 219 -9.65 -7.05 7.28
C HIS A 219 -9.52 -8.56 7.40
N TYR A 220 -8.63 -9.01 8.28
CA TYR A 220 -8.51 -10.42 8.59
C TYR A 220 -9.52 -10.73 9.69
N PHE A 221 -10.44 -11.62 9.35
CA PHE A 221 -11.52 -11.98 10.24
C PHE A 221 -10.99 -12.84 11.38
N PRO A 222 -11.53 -12.68 12.58
CA PRO A 222 -11.09 -13.52 13.70
C PRO A 222 -11.29 -15.00 13.40
N GLU A 223 -10.46 -15.82 14.02
CA GLU A 223 -10.44 -17.25 13.77
C GLU A 223 -10.45 -18.03 15.09
N CYS A 246 5.17 -18.96 4.83
CA CYS A 246 4.58 -18.29 3.67
C CYS A 246 5.62 -18.05 2.57
N ALA A 247 5.15 -17.90 1.34
CA ALA A 247 6.03 -17.64 0.22
C ALA A 247 6.23 -16.14 0.04
N THR A 248 7.38 -15.78 -0.50
CA THR A 248 7.64 -14.37 -0.72
C THR A 248 7.01 -13.91 -2.03
N HIS A 249 6.91 -12.59 -2.16
CA HIS A 249 6.52 -11.95 -3.39
C HIS A 249 7.32 -10.68 -3.53
N LEU A 250 7.25 -10.09 -4.72
CA LEU A 250 7.70 -8.74 -4.98
C LEU A 250 6.48 -7.87 -5.23
N ASP A 251 6.50 -6.64 -4.71
CA ASP A 251 5.48 -5.68 -5.13
C ASP A 251 5.76 -5.27 -6.59
N HIS A 252 4.67 -4.94 -7.29
CA HIS A 252 4.72 -4.72 -8.74
CA HIS A 252 4.75 -4.74 -8.73
C HIS A 252 5.05 -3.29 -9.14
N GLY A 253 4.62 -2.32 -8.33
CA GLY A 253 4.63 -0.93 -8.74
C GLY A 253 5.85 -0.13 -8.35
N CYS A 254 5.64 1.11 -7.95
CA CYS A 254 6.77 1.99 -7.62
C CYS A 254 7.07 1.92 -6.13
N LEU A 255 6.16 2.47 -5.32
CA LEU A 255 6.36 2.56 -3.87
C LEU A 255 5.07 2.17 -3.18
N THR A 256 5.15 1.19 -2.31
CA THR A 256 4.00 0.76 -1.53
C THR A 256 4.09 1.40 -0.17
N GLY A 257 3.16 2.31 0.13
CA GLY A 257 3.09 2.89 1.46
C GLY A 257 2.33 1.95 2.40
N LEU A 258 2.83 1.84 3.62
CA LEU A 258 2.35 0.86 4.59
C LEU A 258 2.15 1.51 5.94
N THR A 259 1.03 1.21 6.60
CA THR A 259 0.88 1.43 8.04
C THR A 259 1.26 0.16 8.81
N SER A 260 1.60 0.33 10.08
CA SER A 260 1.66 -0.85 10.93
C SER A 260 0.25 -1.43 11.08
N ALA A 261 0.19 -2.73 11.30
CA ALA A 261 -1.12 -3.38 11.37
C ALA A 261 -1.83 -3.02 12.66
N MET A 262 -3.16 -3.03 12.61
CA MET A 262 -3.99 -2.86 13.81
C MET A 262 -4.56 -4.22 14.21
N PHE A 263 -4.31 -4.62 15.44
CA PHE A 263 -5.00 -5.77 16.03
C PHE A 263 -6.10 -5.25 16.95
N VAL A 264 -7.31 -5.80 16.80
CA VAL A 264 -8.44 -5.33 17.61
C VAL A 264 -9.22 -6.52 18.14
N ASP A 265 -9.57 -6.47 19.43
CA ASP A 265 -10.47 -7.47 20.01
C ASP A 265 -11.89 -7.02 19.72
N GLU A 266 -12.52 -7.65 18.73
CA GLU A 266 -13.86 -7.22 18.32
C GLU A 266 -14.94 -7.64 19.31
N ALA A 267 -14.62 -8.50 20.26
CA ALA A 267 -15.55 -8.74 21.37
C ALA A 267 -15.53 -7.61 22.39
N ALA A 268 -14.37 -7.00 22.62
CA ALA A 268 -14.28 -5.92 23.58
C ALA A 268 -14.82 -4.61 23.02
N THR A 269 -14.56 -4.31 21.75
CA THR A 269 -15.07 -3.12 21.09
C THR A 269 -15.77 -3.59 19.81
N PRO A 270 -17.05 -3.95 19.90
CA PRO A 270 -17.78 -4.50 18.75
C PRO A 270 -17.74 -3.55 17.56
N PRO A 271 -17.38 -4.05 16.38
CA PRO A 271 -17.30 -3.25 15.16
C PRO A 271 -18.69 -3.09 14.54
N VAL A 272 -19.53 -2.37 15.28
CA VAL A 272 -20.94 -2.22 14.96
C VAL A 272 -21.23 -0.74 14.82
N VAL A 273 -21.88 -0.37 13.70
CA VAL A 273 -22.32 1.00 13.48
C VAL A 273 -23.61 1.18 14.26
N ASN A 274 -23.53 1.80 15.42
CA ASN A 274 -24.72 1.95 16.25
C ASN A 274 -25.68 2.92 15.58
N PRO A 275 -26.88 2.49 15.19
CA PRO A 275 -27.82 3.39 14.49
C PRO A 275 -28.38 4.50 15.37
N SER A 276 -28.19 4.41 16.69
CA SER A 276 -28.62 5.44 17.63
C SER A 276 -27.55 6.48 17.91
N VAL A 277 -26.36 6.31 17.32
CA VAL A 277 -25.22 7.20 17.57
C VAL A 277 -24.94 7.96 16.29
N ASN A 278 -24.94 9.28 16.37
CA ASN A 278 -24.70 10.13 15.21
C ASN A 278 -23.23 10.53 15.14
N GLY A 279 -22.83 11.05 13.98
CA GLY A 279 -21.47 11.47 13.75
C GLY A 279 -20.61 10.39 13.10
N SER A 280 -19.40 10.80 12.69
CA SER A 280 -18.47 9.86 12.09
C SER A 280 -18.15 8.74 13.06
N LEU A 281 -17.86 7.56 12.52
CA LEU A 281 -17.69 6.39 13.36
C LEU A 281 -16.48 6.56 14.27
N PRO A 282 -16.61 6.30 15.56
CA PRO A 282 -15.46 6.40 16.45
C PRO A 282 -14.50 5.25 16.20
N PRO A 283 -13.21 5.44 16.48
CA PRO A 283 -12.27 4.33 16.33
C PRO A 283 -12.57 3.23 17.34
N LEU A 284 -12.14 2.02 17.00
CA LEU A 284 -12.27 0.89 17.89
C LEU A 284 -11.05 0.84 18.79
N GLY A 285 -11.01 -0.12 19.68
CA GLY A 285 -9.79 -0.36 20.41
C GLY A 285 -8.70 -0.85 19.49
N GLU A 286 -7.46 -0.66 19.93
CA GLU A 286 -6.33 -1.30 19.28
C GLU A 286 -5.43 -1.89 20.36
N LEU A 287 -5.13 -3.19 20.23
CA LEU A 287 -4.22 -3.83 21.19
C LEU A 287 -2.88 -3.11 21.19
N PRO A 288 -2.34 -2.77 22.36
CA PRO A 288 -1.04 -2.06 22.39
C PRO A 288 0.09 -2.89 21.79
N THR A 289 -0.01 -4.21 21.83
CA THR A 289 1.02 -5.12 21.34
C THR A 289 0.34 -6.22 20.55
N SER A 290 1.03 -6.76 19.55
CA SER A 290 0.49 -7.87 18.80
C SER A 290 0.27 -9.08 19.71
N PRO A 291 -0.80 -9.85 19.51
CA PRO A 291 -0.98 -11.08 20.29
C PRO A 291 0.03 -12.16 19.96
N ASP A 292 0.70 -12.08 18.81
CA ASP A 292 1.64 -13.09 18.36
C ASP A 292 2.95 -12.38 18.01
N PRO A 293 4.04 -12.61 18.74
CA PRO A 293 5.29 -11.92 18.41
C PRO A 293 5.79 -12.24 17.01
N LYS A 294 5.35 -13.34 16.41
CA LYS A 294 5.80 -13.69 15.07
C LYS A 294 5.04 -12.95 13.97
N ALA A 295 3.97 -12.23 14.30
CA ALA A 295 3.27 -11.49 13.27
C ALA A 295 4.14 -10.33 12.78
N GLY A 296 4.04 -10.03 11.50
CA GLY A 296 4.68 -8.85 10.96
C GLY A 296 5.27 -9.11 9.60
N LEU A 297 6.14 -8.20 9.18
CA LEU A 297 6.75 -8.22 7.86
C LEU A 297 8.08 -8.98 7.90
N TYR A 298 8.27 -9.86 6.93
CA TYR A 298 9.48 -10.67 6.81
C TYR A 298 10.12 -10.38 5.46
N ILE A 299 11.43 -10.20 5.45
CA ILE A 299 12.15 -9.78 4.26
C ILE A 299 13.36 -10.68 4.08
N LYS A 300 13.61 -11.10 2.84
CA LYS A 300 14.80 -11.88 2.54
C LYS A 300 15.99 -10.94 2.49
N SER A 301 16.94 -11.12 3.40
CA SER A 301 18.08 -10.24 3.51
C SER A 301 19.29 -10.78 2.74
N ARG A 302 20.29 -9.93 2.60
CA ARG A 302 21.49 -10.29 1.83
C ARG A 302 22.26 -11.45 2.44
N THR A 303 22.08 -11.71 3.73
CA THR A 303 22.76 -12.81 4.40
C THR A 303 22.13 -14.16 4.11
N GLY A 304 20.97 -14.20 3.46
CA GLY A 304 20.20 -15.41 3.39
C GLY A 304 19.25 -15.60 4.55
N GLN A 305 19.37 -14.81 5.61
CA GLN A 305 18.38 -14.83 6.68
C GLN A 305 17.09 -14.20 6.22
N THR A 306 15.98 -14.75 6.68
CA THR A 306 14.69 -14.09 6.57
C THR A 306 14.44 -13.31 7.86
N VAL A 307 14.37 -11.99 7.75
CA VAL A 307 14.40 -11.11 8.91
C VAL A 307 13.03 -10.48 9.12
N GLN A 308 12.71 -10.26 10.39
CA GLN A 308 11.45 -9.62 10.76
C GLN A 308 11.69 -8.11 10.91
N VAL A 309 10.82 -7.33 10.31
CA VAL A 309 10.93 -5.87 10.33
C VAL A 309 9.64 -5.30 10.89
N LYS A 310 9.75 -4.39 11.85
CA LYS A 310 8.60 -3.80 12.51
C LYS A 310 8.46 -2.33 12.11
N ILE A 311 7.24 -1.93 11.78
CA ILE A 311 6.94 -0.53 11.45
C ILE A 311 6.44 0.14 12.72
N PRO A 312 7.11 1.17 13.23
CA PRO A 312 6.56 1.93 14.36
C PRO A 312 5.15 2.41 14.02
N ARG A 313 4.26 2.32 15.01
CA ARG A 313 2.86 2.61 14.75
C ARG A 313 2.66 4.04 14.26
N ASP A 314 3.50 4.98 14.70
CA ASP A 314 3.32 6.37 14.30
C ASP A 314 4.10 6.73 13.05
N CYS A 315 4.64 5.75 12.34
CA CYS A 315 5.44 6.00 11.14
C CYS A 315 4.77 5.40 9.91
N ILE A 316 5.27 5.79 8.73
CA ILE A 316 4.82 5.20 7.47
C ILE A 316 6.01 4.51 6.82
N ALA A 317 5.81 3.31 6.28
CA ALA A 317 6.91 2.64 5.58
C ALA A 317 6.63 2.62 4.08
N PHE A 318 7.70 2.49 3.30
CA PHE A 318 7.57 2.41 1.85
C PHE A 318 8.45 1.28 1.35
N GLN A 319 7.84 0.37 0.58
CA GLN A 319 8.57 -0.72 -0.05
C GLN A 319 8.69 -0.45 -1.53
N THR A 320 9.85 -0.76 -2.08
CA THR A 320 10.05 -0.62 -3.51
C THR A 320 9.35 -1.75 -4.26
N GLY A 321 8.87 -1.44 -5.46
CA GLY A 321 8.30 -2.44 -6.34
C GLY A 321 9.09 -2.59 -7.64
N GLU A 322 8.64 -3.56 -8.44
CA GLU A 322 9.39 -3.93 -9.65
C GLU A 322 9.43 -2.81 -10.67
N ALA A 323 8.39 -1.99 -10.76
CA ALA A 323 8.40 -0.90 -11.74
C ALA A 323 9.48 0.13 -11.40
N LEU A 324 9.64 0.42 -10.11
CA LEU A 324 10.71 1.33 -9.69
C LEU A 324 12.08 0.71 -9.94
N GLU A 325 12.22 -0.60 -9.69
CA GLU A 325 13.48 -1.25 -9.99
C GLU A 325 13.83 -1.10 -11.47
N ARG A 326 12.85 -1.34 -12.34
CA ARG A 326 13.09 -1.24 -13.77
C ARG A 326 13.40 0.19 -14.19
N ILE A 327 12.67 1.16 -13.64
CA ILE A 327 12.90 2.56 -13.97
C ILE A 327 14.31 2.99 -13.60
N THR A 328 14.83 2.47 -12.49
CA THR A 328 16.18 2.80 -12.05
C THR A 328 17.22 1.83 -12.57
N GLY A 329 16.87 0.98 -13.52
CA GLY A 329 17.84 0.08 -14.12
C GLY A 329 18.45 -0.89 -13.13
N GLY A 330 17.73 -1.24 -12.08
CA GLY A 330 18.26 -2.13 -11.07
C GLY A 330 19.13 -1.48 -10.03
N LYS A 331 19.34 -0.16 -10.10
CA LYS A 331 20.11 0.51 -9.05
C LYS A 331 19.37 0.44 -7.72
N PHE A 332 18.05 0.55 -7.74
CA PHE A 332 17.21 0.20 -6.61
C PHE A 332 16.48 -1.10 -6.93
N LYS A 333 16.14 -1.85 -5.89
CA LYS A 333 15.70 -3.23 -6.03
C LYS A 333 14.38 -3.42 -5.31
N ALA A 334 13.50 -4.19 -5.92
CA ALA A 334 12.38 -4.80 -5.21
C ALA A 334 12.88 -6.06 -4.51
N VAL A 335 12.60 -6.18 -3.22
CA VAL A 335 13.19 -7.23 -2.39
C VAL A 335 12.09 -8.18 -1.95
N PRO A 336 12.27 -9.49 -2.07
CA PRO A 336 11.20 -10.43 -1.71
C PRO A 336 10.83 -10.35 -0.24
N HIS A 337 9.55 -10.50 0.05
CA HIS A 337 9.05 -10.35 1.40
C HIS A 337 7.70 -11.05 1.53
N PHE A 338 7.26 -11.21 2.77
CA PHE A 338 5.89 -11.65 3.02
C PHE A 338 5.41 -11.10 4.35
N VAL A 339 4.11 -11.14 4.56
CA VAL A 339 3.51 -10.64 5.79
C VAL A 339 2.86 -11.81 6.51
N ARG A 340 3.16 -11.93 7.80
CA ARG A 340 2.60 -12.98 8.63
C ARG A 340 1.59 -12.37 9.59
N GLY A 341 0.43 -13.01 9.69
CA GLY A 341 -0.58 -12.62 10.66
C GLY A 341 -0.34 -13.29 11.99
N ALA A 342 -1.30 -13.13 12.89
CA ALA A 342 -1.20 -13.72 14.21
C ALA A 342 -1.82 -15.10 14.19
N ARG A 343 -1.14 -16.07 14.82
CA ARG A 343 -1.66 -17.41 14.91
C ARG A 343 -2.92 -17.40 15.78
N ALA A 344 -3.93 -18.16 15.34
CA ALA A 344 -5.19 -18.23 16.09
C ALA A 344 -4.96 -18.65 17.54
N GLU A 345 -4.08 -19.62 17.76
CA GLU A 345 -3.89 -20.14 19.12
C GLU A 345 -3.20 -19.14 20.03
N MET A 346 -2.55 -18.11 19.48
CA MET A 346 -1.93 -17.05 20.26
C MET A 346 -2.85 -15.86 20.50
N SER A 347 -4.06 -15.87 19.93
CA SER A 347 -4.94 -14.69 19.89
C SER A 347 -6.09 -14.92 20.84
N ALA A 348 -6.03 -14.28 22.00
CA ALA A 348 -7.09 -14.41 22.99
C ALA A 348 -8.25 -13.48 22.64
N GLY A 349 -9.45 -14.02 22.66
CA GLY A 349 -10.61 -13.25 22.26
C GLY A 349 -10.87 -13.36 20.77
N ARG A 350 -11.54 -12.34 20.25
CA ARG A 350 -11.93 -12.29 18.85
C ARG A 350 -11.07 -11.24 18.17
N ILE A 351 -9.82 -11.60 17.89
CA ILE A 351 -8.84 -10.65 17.39
C ILE A 351 -8.91 -10.59 15.87
N ALA A 352 -9.17 -9.41 15.34
CA ALA A 352 -9.08 -9.12 13.93
C ALA A 352 -7.81 -8.33 13.64
N ARG A 353 -7.33 -8.43 12.40
CA ARG A 353 -6.18 -7.64 11.97
C ARG A 353 -6.57 -6.77 10.78
N ASN A 354 -6.34 -5.46 10.89
CA ASN A 354 -6.63 -4.56 9.78
C ASN A 354 -5.36 -3.93 9.28
N THR A 355 -5.24 -3.82 7.95
CA THR A 355 -4.03 -3.24 7.37
C THR A 355 -4.39 -2.31 6.21
N LEU A 356 -3.48 -1.38 5.90
CA LEU A 356 -3.63 -0.49 4.76
C LEU A 356 -2.33 -0.53 3.98
N ALA A 357 -2.45 -0.68 2.67
CA ALA A 357 -1.31 -0.51 1.78
C ALA A 357 -1.74 0.41 0.65
N VAL A 358 -0.85 1.33 0.26
CA VAL A 358 -1.13 2.23 -0.86
C VAL A 358 -0.10 1.91 -1.93
N PHE A 359 -0.54 1.23 -2.99
CA PHE A 359 0.34 0.77 -4.07
C PHE A 359 0.48 1.88 -5.09
N THR A 360 1.47 2.77 -4.91
CA THR A 360 1.71 3.74 -5.97
C THR A 360 2.39 3.04 -7.12
N GLN A 361 1.92 3.36 -8.33
CA GLN A 361 2.37 2.70 -9.54
C GLN A 361 2.11 3.66 -10.71
N PRO A 362 2.77 3.43 -11.84
CA PRO A 362 2.63 4.36 -12.97
C PRO A 362 1.28 4.27 -13.64
N ASN A 363 0.95 5.35 -14.35
CA ASN A 363 -0.13 5.25 -15.31
C ASN A 363 0.23 4.20 -16.35
N LEU A 364 -0.81 3.61 -16.97
CA LEU A 364 -0.59 2.47 -17.86
C LEU A 364 0.32 2.84 -19.02
N GLY A 365 0.24 4.09 -19.50
CA GLY A 365 1.09 4.51 -20.61
C GLY A 365 2.47 4.99 -20.24
N ASP A 366 2.79 5.07 -18.96
CA ASP A 366 4.11 5.53 -18.55
C ASP A 366 5.16 4.45 -18.82
N GLU A 367 6.29 4.86 -19.37
CA GLU A 367 7.37 3.92 -19.59
C GLU A 367 7.97 3.45 -18.27
N VAL A 368 8.24 2.15 -18.20
CA VAL A 368 8.93 1.56 -17.08
C VAL A 368 10.32 1.07 -17.47
N ASP A 369 10.45 0.45 -18.64
CA ASP A 369 11.76 0.15 -19.20
C ASP A 369 12.09 1.25 -20.20
N MET A 370 12.98 2.16 -19.81
CA MET A 370 13.30 3.30 -20.66
C MET A 370 14.14 2.90 -21.86
N GLU A 371 14.78 1.73 -21.83
CA GLU A 371 15.63 1.31 -22.94
C GLU A 371 14.80 0.67 -24.05
N GLN A 372 13.90 -0.25 -23.69
CA GLN A 372 13.04 -0.92 -24.65
C GLN A 372 11.69 -0.23 -24.84
N HIS A 373 11.39 0.78 -24.01
CA HIS A 373 10.16 1.58 -24.14
C HIS A 373 8.92 0.75 -23.80
N ILE A 374 9.05 -0.11 -22.80
CA ILE A 374 7.93 -0.90 -22.31
C ILE A 374 7.19 -0.09 -21.27
N THR A 375 5.88 0.07 -21.48
CA THR A 375 5.05 0.84 -20.57
C THR A 375 4.56 -0.03 -19.41
N PHE A 376 4.02 0.64 -18.39
CA PHE A 376 3.54 -0.10 -17.23
C PHE A 376 2.41 -1.06 -17.60
N GLY A 377 1.48 -0.63 -18.46
CA GLY A 377 0.43 -1.53 -18.89
C GLY A 377 0.94 -2.76 -19.60
N GLU A 378 1.93 -2.58 -20.48
CA GLU A 378 2.57 -3.72 -21.11
C GLU A 378 3.23 -4.60 -20.06
N PHE A 379 4.05 -3.97 -19.20
CA PHE A 379 4.74 -4.65 -18.10
C PHE A 379 3.77 -5.48 -17.28
N ALA A 380 2.57 -4.97 -17.06
CA ALA A 380 1.56 -5.64 -16.23
C ALA A 380 0.88 -6.78 -16.98
N ARG A 381 0.82 -6.70 -18.32
CA ARG A 381 0.32 -7.83 -19.10
C ARG A 381 1.40 -8.86 -19.40
N GLY A 382 2.57 -8.76 -18.79
CA GLY A 382 3.61 -9.74 -19.03
C GLY A 382 4.36 -9.56 -20.33
N ILE A 383 4.26 -8.39 -20.96
CA ILE A 383 5.05 -8.09 -22.14
C ILE A 383 6.47 -7.75 -21.69
N VAL A 384 7.46 -8.38 -22.32
CA VAL A 384 8.84 -8.22 -21.91
C VAL A 384 9.73 -7.75 -23.04
N ALA A 385 9.19 -7.60 -24.25
CA ALA A 385 9.93 -7.08 -25.38
C ALA A 385 8.99 -6.23 -26.21
N LYS A 386 9.53 -5.20 -26.85
CA LYS A 386 8.70 -4.28 -27.60
C LYS A 386 9.34 -3.94 -28.94
N ASN A 387 8.53 -4.01 -29.98
CA ASN A 387 8.92 -3.67 -31.35
C ASN A 387 10.21 -4.37 -31.75
N THR A 388 10.43 -5.56 -31.20
CA THR A 388 11.43 -6.46 -31.75
C THR A 388 11.11 -6.71 -33.22
N VAL A 389 12.11 -6.52 -34.10
CA VAL A 389 11.85 -6.64 -35.52
C VAL A 389 11.36 -8.03 -35.83
N SER A 390 10.43 -8.13 -36.78
CA SER A 390 9.97 -9.42 -37.27
C SER A 390 10.82 -9.81 -38.46
#